data_6ES3
#
_entry.id   6ES3
#
_cell.length_a   127.950
_cell.length_b   46.490
_cell.length_c   68.890
_cell.angle_alpha   90.000
_cell.angle_beta   113.270
_cell.angle_gamma   90.000
#
_symmetry.space_group_name_H-M   'C 1 2 1'
#
loop_
_entity.id
_entity.type
_entity.pdbx_description
1 polymer "DNA (5'-D(P*TP*TP*GP*TP*GP*TP*TP*TP*TP*AP*CP*GP*AP*CP*CP*TP*CP*C)-3')"
2 polymer 'Homeobox protein CDX-2'
3 polymer "DNA (5'-D(P*GP*GP*AP*GP*GP*TP*CP*GP*TP*AP*AP*AP*AP*CP*AP*CP*AP*A)-3')"
4 water water
#
loop_
_entity_poly.entity_id
_entity_poly.type
_entity_poly.pdbx_seq_one_letter_code
_entity_poly.pdbx_strand_id
1 'polydeoxyribonucleotide' (DT)(DT)(DG)(DT)(DG)(DT)(DT)(DT)(DT)(DA)(DC)(DG)(DA)(DC)(DC)(DT)(DC)(DC) A,B
2 'polypeptide(L)' RTKDKYRVVYTDHQRLELEKEFHYSRYITIRRKAELAATLGLSERQVKIWFQNRRAKERKINKKKLQQQQQQ K,M
3 'polydeoxyribonucleotide' (DG)(DG)(DA)(DG)(DG)(DT)(DC)(DG)(DT)(DA)(DA)(DA)(DA)(DC)(DA)(DC)(DA)(DA) F,E
#
loop_
_chem_comp.id
_chem_comp.type
_chem_comp.name
_chem_comp.formula
DA DNA linking 2'-DEOXYADENOSINE-5'-MONOPHOSPHATE 'C10 H14 N5 O6 P'
DC DNA linking 2'-DEOXYCYTIDINE-5'-MONOPHOSPHATE 'C9 H14 N3 O7 P'
DG DNA linking 2'-DEOXYGUANOSINE-5'-MONOPHOSPHATE 'C10 H14 N5 O7 P'
DT DNA linking THYMIDINE-5'-MONOPHOSPHATE 'C10 H15 N2 O8 P'
#
# COMPACT_ATOMS: atom_id res chain seq x y z
N ARG C 1 -22.15 11.11 0.52
CA ARG C 1 -21.97 11.81 1.79
C ARG C 1 -20.46 11.74 2.21
N THR C 2 -20.04 12.77 2.96
CA THR C 2 -20.80 13.98 3.29
C THR C 2 -20.83 14.79 1.96
N LYS C 3 -21.34 16.04 1.99
CA LYS C 3 -20.92 17.07 0.99
C LYS C 3 -21.23 18.61 1.25
N ASP C 4 -20.94 19.09 2.47
CA ASP C 4 -20.62 20.54 2.78
C ASP C 4 -19.14 20.93 2.38
N LYS C 5 -18.34 19.90 2.15
CA LYS C 5 -17.02 19.99 1.57
C LYS C 5 -17.13 19.16 0.29
N TYR C 6 -16.66 19.70 -0.83
CA TYR C 6 -16.86 18.98 -2.07
C TYR C 6 -16.22 17.64 -2.03
N ARG C 7 -15.06 17.61 -1.37
CA ARG C 7 -14.33 16.41 -1.10
C ARG C 7 -13.23 16.62 -0.05
N VAL C 8 -12.89 15.55 0.65
CA VAL C 8 -12.03 15.64 1.85
C VAL C 8 -10.76 14.82 1.68
N VAL C 9 -9.63 15.40 2.00
CA VAL C 9 -8.35 14.65 1.98
C VAL C 9 -8.32 13.65 3.11
N TYR C 10 -8.11 12.38 2.79
CA TYR C 10 -7.91 11.38 3.84
C TYR C 10 -6.50 11.51 4.39
N THR C 11 -6.32 11.30 5.70
CA THR C 11 -4.96 11.31 6.35
C THR C 11 -4.03 10.25 5.78
N ASP C 12 -2.75 10.53 5.91
CA ASP C 12 -1.70 9.54 5.63
C ASP C 12 -1.95 8.20 6.35
N HIS C 13 -2.36 8.29 7.61
CA HIS C 13 -2.74 7.09 8.28
C HIS C 13 -3.87 6.35 7.59
N GLN C 14 -4.89 7.05 7.16
CA GLN C 14 -6.05 6.34 6.60
C GLN C 14 -5.69 5.76 5.30
N ARG C 15 -4.96 6.50 4.50
CA ARG C 15 -4.54 5.90 3.22
C ARG C 15 -3.60 4.69 3.39
N LEU C 16 -2.60 4.78 4.29
CA LEU C 16 -1.79 3.58 4.54
C LEU C 16 -2.59 2.29 4.79
N GLU C 17 -3.55 2.39 5.70
CA GLU C 17 -4.40 1.23 6.01
C GLU C 17 -5.16 0.62 4.82
N LEU C 18 -5.75 1.53 4.03
CA LEU C 18 -6.50 1.17 2.83
C LEU C 18 -5.54 0.57 1.78
N GLU C 19 -4.37 1.20 1.52
CA GLU C 19 -3.40 0.52 0.66
C GLU C 19 -2.98 -0.85 1.19
N LYS C 20 -2.84 -1.04 2.51
CA LYS C 20 -2.44 -2.38 2.99
C LYS C 20 -3.56 -3.39 2.73
N GLU C 21 -4.72 -3.10 3.28
CA GLU C 21 -5.85 -4.02 2.99
C GLU C 21 -6.08 -4.28 1.43
N PHE C 22 -5.87 -3.27 0.59
CA PHE C 22 -5.89 -3.52 -0.85
C PHE C 22 -4.95 -4.53 -1.36
N HIS C 23 -3.72 -4.56 -0.79
CA HIS C 23 -2.74 -5.62 -1.14
C HIS C 23 -3.27 -6.91 -0.62
N TYR C 24 -3.93 -6.92 0.54
CA TYR C 24 -4.40 -8.20 1.06
C TYR C 24 -5.46 -8.76 0.06
N SER C 25 -6.48 -7.94 -0.27
CA SER C 25 -7.49 -8.35 -1.27
C SER C 25 -8.08 -7.16 -2.00
N ARG C 26 -8.14 -7.20 -3.32
CA ARG C 26 -8.62 -6.08 -4.09
C ARG C 26 -10.13 -5.69 -3.98
N TYR C 27 -10.95 -6.63 -3.51
CA TYR C 27 -12.35 -6.45 -3.22
C TYR C 27 -12.45 -6.75 -1.72
N ILE C 28 -12.81 -5.72 -0.98
CA ILE C 28 -13.22 -5.84 0.39
C ILE C 28 -14.58 -6.50 0.53
N THR C 29 -14.86 -7.13 1.67
CA THR C 29 -16.07 -7.87 1.96
C THR C 29 -16.86 -7.01 2.87
N ILE C 30 -18.11 -7.40 3.07
CA ILE C 30 -18.97 -6.56 3.88
C ILE C 30 -18.50 -6.44 5.32
N ARG C 31 -17.97 -7.51 5.86
CA ARG C 31 -17.46 -7.45 7.22
C ARG C 31 -16.17 -6.62 7.34
N ARG C 32 -15.19 -6.97 6.50
CA ARG C 32 -13.95 -6.21 6.49
C ARG C 32 -14.21 -4.72 6.31
N LYS C 33 -15.10 -4.40 5.36
CA LYS C 33 -15.45 -3.01 5.14
C LYS C 33 -15.98 -2.41 6.44
N ALA C 34 -16.91 -3.13 7.09
CA ALA C 34 -17.57 -2.56 8.26
C ALA C 34 -16.48 -2.24 9.28
N GLU C 35 -15.62 -3.24 9.57
CA GLU C 35 -14.48 -3.09 10.50
C GLU C 35 -13.49 -1.96 10.18
N LEU C 36 -13.01 -1.92 8.94
CA LEU C 36 -12.11 -0.85 8.49
C LEU C 36 -12.72 0.51 8.67
N ALA C 37 -13.99 0.64 8.24
CA ALA C 37 -14.68 1.95 8.37
C ALA C 37 -14.57 2.42 9.87
N ALA C 38 -14.99 1.52 10.76
CA ALA C 38 -15.01 1.84 12.18
C ALA C 38 -13.61 2.08 12.72
N THR C 39 -12.61 1.27 12.35
CA THR C 39 -11.28 1.53 12.93
C THR C 39 -10.70 2.82 12.33
N LEU C 40 -11.13 3.24 11.12
CA LEU C 40 -10.51 4.43 10.47
C LEU C 40 -11.28 5.72 10.52
N GLY C 41 -12.49 5.71 11.07
CA GLY C 41 -13.27 6.96 11.18
C GLY C 41 -13.78 7.46 9.82
N LEU C 42 -14.18 6.51 8.98
CA LEU C 42 -14.75 6.78 7.67
C LEU C 42 -15.95 5.88 7.58
N SER C 43 -16.81 6.17 6.64
CA SER C 43 -17.96 5.36 6.52
C SER C 43 -17.76 4.20 5.57
N GLU C 44 -18.67 3.26 5.74
CA GLU C 44 -18.79 2.12 4.86
C GLU C 44 -18.80 2.62 3.44
N ARG C 45 -19.53 3.69 3.15
CA ARG C 45 -19.63 4.20 1.79
C ARG C 45 -18.25 4.77 1.32
N GLN C 46 -17.59 5.49 2.21
CA GLN C 46 -16.27 6.00 1.82
C GLN C 46 -15.27 4.78 1.54
N VAL C 47 -15.30 3.73 2.36
CA VAL C 47 -14.42 2.61 2.07
C VAL C 47 -14.81 2.00 0.75
N LYS C 48 -16.10 1.70 0.62
CA LYS C 48 -16.68 1.19 -0.65
C LYS C 48 -16.17 1.90 -1.84
N ILE C 49 -16.33 3.23 -1.85
CA ILE C 49 -15.90 4.00 -2.98
C ILE C 49 -14.37 4.00 -3.15
N TRP C 50 -13.64 4.32 -2.10
CA TRP C 50 -12.12 4.17 -2.13
C TRP C 50 -11.70 2.88 -2.83
N PHE C 51 -12.30 1.77 -2.41
CA PHE C 51 -11.94 0.51 -3.12
C PHE C 51 -12.21 0.59 -4.63
N GLN C 52 -13.37 1.07 -4.99
CA GLN C 52 -13.66 1.29 -6.42
C GLN C 52 -12.66 2.20 -7.13
N ASN C 53 -12.32 3.34 -6.54
CA ASN C 53 -11.26 4.19 -7.09
C ASN C 53 -9.91 3.45 -7.25
N ARG C 54 -9.59 2.58 -6.29
CA ARG C 54 -8.19 2.03 -6.31
C ARG C 54 -8.00 0.97 -7.42
N ARG C 55 -9.01 0.16 -7.63
CA ARG C 55 -9.02 -0.74 -8.80
C ARG C 55 -8.99 0.06 -10.18
N ALA C 56 -9.62 1.23 -10.25
CA ALA C 56 -9.50 2.06 -11.49
C ALA C 56 -8.07 2.60 -11.62
N LYS C 57 -7.53 3.02 -10.47
CA LYS C 57 -6.12 3.44 -10.49
C LYS C 57 -5.21 2.31 -10.97
N GLU C 58 -5.49 1.10 -10.49
CA GLU C 58 -4.72 -0.03 -10.95
C GLU C 58 -4.90 -0.28 -12.41
N ARG C 59 -6.12 -0.14 -12.90
CA ARG C 59 -6.34 -0.39 -14.33
C ARG C 59 -5.61 0.62 -15.21
N LYS C 60 -5.73 1.88 -14.80
CA LYS C 60 -4.94 2.93 -15.43
C LYS C 60 -3.38 2.70 -15.35
N ILE C 61 -2.85 2.33 -14.20
CA ILE C 61 -1.41 1.93 -14.11
C ILE C 61 -1.03 0.74 -15.02
N ASN C 62 -1.91 -0.27 -15.00
CA ASN C 62 -1.70 -1.45 -15.88
C ASN C 62 -1.71 -1.16 -17.36
N LYS C 63 -2.67 -0.37 -17.83
CA LYS C 63 -2.62 0.02 -19.27
C LYS C 63 -1.35 0.76 -19.64
N LYS C 64 -0.89 1.64 -18.79
CA LYS C 64 0.43 2.32 -19.00
C LYS C 64 1.53 1.29 -19.04
N LYS C 65 1.53 0.34 -18.11
CA LYS C 65 2.59 -0.68 -18.21
C LYS C 65 2.52 -1.40 -19.52
N LEU C 66 1.32 -1.88 -19.86
CA LEU C 66 1.12 -2.50 -21.18
C LEU C 66 1.62 -1.62 -22.36
N GLN C 67 1.30 -0.32 -22.35
CA GLN C 67 1.83 0.60 -23.39
C GLN C 67 3.32 0.67 -23.37
N GLN C 68 3.93 0.60 -22.18
CA GLN C 68 5.41 0.55 -22.16
C GLN C 68 5.97 -0.79 -22.66
N GLN C 69 5.35 -1.94 -22.32
CA GLN C 69 5.81 -3.24 -22.95
C GLN C 69 5.68 -3.12 -24.47
N GLN C 70 4.59 -2.50 -24.96
CA GLN C 70 4.39 -2.38 -26.40
C GLN C 70 5.45 -1.56 -27.12
N GLN C 71 5.95 -0.48 -26.53
CA GLN C 71 6.99 0.42 -27.18
C GLN C 71 8.45 -0.15 -27.11
N GLN C 72 8.81 -0.67 -25.93
CA GLN C 72 9.95 -1.55 -25.76
C GLN C 72 9.65 -2.91 -26.36
N ARG D 1 25.89 1.55 9.37
CA ARG D 1 25.30 2.32 8.20
C ARG D 1 24.03 3.14 8.65
N THR D 2 23.03 2.50 9.28
CA THR D 2 21.91 3.14 10.06
C THR D 2 21.88 2.74 11.64
N LYS D 3 22.33 3.53 12.66
CA LYS D 3 22.33 3.13 14.18
C LYS D 3 23.01 3.96 15.43
N ASP D 4 22.77 5.25 15.73
CA ASP D 4 22.81 5.67 17.22
C ASP D 4 21.42 5.61 17.89
N LYS D 5 20.44 5.12 17.13
CA LYS D 5 19.15 4.71 17.63
C LYS D 5 19.11 3.23 17.26
N TYR D 6 18.59 2.33 18.08
CA TYR D 6 18.54 0.96 17.67
C TYR D 6 17.78 0.79 16.35
N ARG D 7 16.69 1.59 16.27
CA ARG D 7 15.88 1.69 15.15
C ARG D 7 14.86 2.86 15.23
N VAL D 8 14.39 3.33 14.08
CA VAL D 8 13.57 4.53 13.98
C VAL D 8 12.24 4.22 13.29
N VAL D 9 11.16 4.76 13.83
CA VAL D 9 9.83 4.61 13.22
C VAL D 9 9.77 5.48 11.97
N TYR D 10 9.43 4.89 10.83
CA TYR D 10 9.16 5.68 9.64
C TYR D 10 7.77 6.31 9.77
N THR D 11 7.61 7.56 9.30
CA THR D 11 6.27 8.22 9.26
C THR D 11 5.26 7.49 8.44
N ASP D 12 4.01 7.76 8.80
CA ASP D 12 2.89 7.26 7.96
C ASP D 12 3.02 7.68 6.49
N HIS D 13 3.45 8.90 6.24
CA HIS D 13 3.75 9.29 4.86
C HIS D 13 4.79 8.37 4.23
N GLN D 14 5.86 8.04 4.94
CA GLN D 14 6.92 7.30 4.29
C GLN D 14 6.45 5.90 4.04
N ARG D 15 5.77 5.34 5.01
CA ARG D 15 5.22 3.98 4.74
C ARG D 15 4.18 3.93 3.62
N LEU D 16 3.24 4.88 3.58
CA LEU D 16 2.31 4.98 2.39
C LEU D 16 3.02 4.85 1.01
N GLU D 17 4.04 5.67 0.84
CA GLU D 17 4.80 5.67 -0.42
C GLU D 17 5.42 4.32 -0.78
N LEU D 18 6.08 3.71 0.24
CA LEU D 18 6.68 2.39 0.11
C LEU D 18 5.62 1.31 -0.15
N GLU D 19 4.53 1.28 0.60
CA GLU D 19 3.42 0.35 0.21
C GLU D 19 2.91 0.58 -1.18
N LYS D 20 2.83 1.83 -1.66
CA LYS D 20 2.34 2.02 -3.05
C LYS D 20 3.34 1.48 -4.05
N GLU D 21 4.55 1.99 -3.99
CA GLU D 21 5.64 1.36 -4.82
C GLU D 21 5.71 -0.22 -4.76
N PHE D 22 5.51 -0.77 -3.59
CA PHE D 22 5.46 -2.23 -3.49
C PHE D 22 4.38 -2.88 -4.30
N HIS D 23 3.21 -2.25 -4.35
CA HIS D 23 2.11 -2.73 -5.23
C HIS D 23 2.49 -2.51 -6.66
N TYR D 24 3.24 -1.46 -6.96
CA TYR D 24 3.64 -1.26 -8.35
C TYR D 24 4.56 -2.44 -8.77
N SER D 25 5.63 -2.72 -7.96
CA SER D 25 6.52 -3.84 -8.22
C SER D 25 7.21 -4.35 -6.95
N ARG D 26 7.17 -5.66 -6.71
CA ARG D 26 7.68 -6.22 -5.46
C ARG D 26 9.23 -6.11 -5.23
N TYR D 27 10.00 -5.94 -6.30
CA TYR D 27 11.41 -5.68 -6.30
C TYR D 27 11.58 -4.34 -6.95
N ILE D 28 12.05 -3.38 -6.18
CA ILE D 28 12.46 -2.10 -6.66
C ILE D 28 13.74 -2.17 -7.48
N THR D 29 13.94 -1.21 -8.40
CA THR D 29 15.10 -1.16 -9.28
C THR D 29 16.03 -0.16 -8.70
N ILE D 30 17.27 -0.19 -9.15
CA ILE D 30 18.24 0.67 -8.50
C ILE D 30 17.92 2.15 -8.74
N ARG D 31 17.35 2.50 -9.89
CA ARG D 31 16.95 3.90 -10.08
C ARG D 31 15.76 4.32 -9.19
N ARG D 32 14.67 3.55 -9.31
CA ARG D 32 13.51 3.78 -8.45
C ARG D 32 13.90 3.88 -6.98
N LYS D 33 14.73 2.95 -6.52
CA LYS D 33 15.23 2.98 -5.16
C LYS D 33 15.89 4.34 -4.89
N ALA D 34 16.80 4.72 -5.79
CA ALA D 34 17.61 5.92 -5.54
C ALA D 34 16.62 7.11 -5.40
N GLU D 35 15.70 7.23 -6.37
CA GLU D 35 14.66 8.30 -6.36
C GLU D 35 13.75 8.34 -5.14
N LEU D 36 13.17 7.19 -4.79
CA LEU D 36 12.33 7.11 -3.60
C LEU D 36 13.08 7.47 -2.36
N ALA D 37 14.33 6.95 -2.22
CA ALA D 37 15.15 7.30 -1.04
C ALA D 37 15.20 8.87 -0.91
N ALA D 38 15.61 9.51 -2.00
CA ALA D 38 15.76 10.96 -2.02
C ALA D 38 14.41 11.67 -1.79
N THR D 39 13.31 11.22 -2.43
CA THR D 39 12.06 11.93 -2.21
C THR D 39 11.57 11.68 -0.79
N LEU D 40 11.94 10.56 -0.15
CA LEU D 40 11.40 10.24 1.21
C LEU D 40 12.33 10.50 2.40
N GLY D 41 13.56 10.95 2.17
CA GLY D 41 14.47 11.26 3.27
C GLY D 41 14.99 10.03 4.03
N LEU D 42 15.23 8.97 3.28
CA LEU D 42 15.73 7.69 3.81
C LEU D 42 16.79 7.27 2.84
N SER D 43 17.64 6.36 3.28
CA SER D 43 18.72 5.97 2.43
C SER D 43 18.37 4.80 1.52
N GLU D 44 19.21 4.70 0.50
CA GLU D 44 19.23 3.54 -0.39
C GLU D 44 19.14 2.27 0.43
N ARG D 45 19.92 2.21 1.49
CA ARG D 45 19.99 0.99 2.29
C ARG D 45 18.63 0.79 3.05
N GLN D 46 18.08 1.87 3.57
CA GLN D 46 16.81 1.73 4.26
C GLN D 46 15.68 1.24 3.24
N VAL D 47 15.65 1.82 2.02
CA VAL D 47 14.66 1.34 1.09
C VAL D 47 14.92 -0.12 0.77
N LYS D 48 16.18 -0.42 0.43
CA LYS D 48 16.63 -1.83 0.21
C LYS D 48 16.10 -2.78 1.21
N ILE D 49 16.38 -2.49 2.49
CA ILE D 49 15.96 -3.38 3.54
C ILE D 49 14.45 -3.43 3.70
N TRP D 50 13.81 -2.27 3.81
CA TRP D 50 12.28 -2.20 3.75
C TRP D 50 11.69 -3.17 2.72
N PHE D 51 12.22 -3.06 1.50
CA PHE D 51 11.70 -4.01 0.49
C PHE D 51 11.90 -5.48 0.90
N GLN D 52 13.06 -5.81 1.37
CA GLN D 52 13.26 -7.18 1.90
C GLN D 52 12.32 -7.57 3.02
N ASN D 53 12.12 -6.70 4.00
CA ASN D 53 11.11 -6.97 5.04
C ASN D 53 9.68 -7.18 4.47
N ARG D 54 9.34 -6.42 3.42
CA ARG D 54 7.91 -6.45 3.00
C ARG D 54 7.56 -7.75 2.23
N ARG D 55 8.53 -8.25 1.44
CA ARG D 55 8.41 -9.58 0.86
C ARG D 55 8.30 -10.71 1.93
N ALA D 56 9.03 -10.59 3.04
CA ALA D 56 8.92 -11.61 4.12
C ALA D 56 7.51 -11.49 4.79
N LYS D 57 7.08 -10.23 4.95
CA LYS D 57 5.72 -10.05 5.47
C LYS D 57 4.68 -10.70 4.55
N GLU D 58 4.88 -10.51 3.25
CA GLU D 58 3.98 -11.14 2.31
C GLU D 58 4.04 -12.64 2.37
N ARG D 59 5.25 -13.17 2.54
CA ARG D 59 5.33 -14.65 2.56
C ARG D 59 4.65 -15.23 3.81
N LYS D 60 4.91 -14.58 4.93
CA LYS D 60 4.18 -14.90 6.15
C LYS D 60 2.62 -14.76 6.01
N ILE D 61 2.12 -13.67 5.43
CA ILE D 61 0.69 -13.55 5.10
C ILE D 61 0.15 -14.66 4.17
N ASN D 62 0.93 -14.93 3.12
CA ASN D 62 0.58 -16.04 2.20
C ASN D 62 0.51 -17.41 2.83
N LYS D 63 1.50 -17.79 3.64
CA LYS D 63 1.36 -19.08 4.34
C LYS D 63 0.10 -19.17 5.20
N LYS D 64 -0.22 -18.10 5.92
CA LYS D 64 -1.47 -18.06 6.70
C LYS D 64 -2.66 -18.22 5.78
N LYS D 65 -2.66 -17.48 4.66
CA LYS D 65 -3.81 -17.65 3.76
C LYS D 65 -3.92 -19.09 3.34
N LEU D 66 -2.80 -19.65 2.83
CA LEU D 66 -2.80 -21.05 2.43
C LEU D 66 -3.34 -21.99 3.54
N GLN D 67 -2.86 -21.79 4.80
CA GLN D 67 -3.38 -22.63 5.91
C GLN D 67 -4.87 -22.46 6.07
N GLN D 68 -5.38 -21.23 5.85
CA GLN D 68 -6.83 -21.08 5.97
C GLN D 68 -7.59 -21.64 4.77
N GLN D 69 -7.08 -21.54 3.53
CA GLN D 69 -7.72 -22.29 2.40
C GLN D 69 -7.77 -23.77 2.71
N GLN D 70 -6.67 -24.30 3.29
CA GLN D 70 -6.61 -25.73 3.58
C GLN D 70 -7.63 -26.21 4.59
N GLN D 71 -7.91 -25.44 5.65
CA GLN D 71 -8.92 -25.85 6.69
C GLN D 71 -10.40 -25.63 6.30
N GLN D 72 -10.69 -24.48 5.71
CA GLN D 72 -11.94 -24.24 4.98
C GLN D 72 -11.88 -24.96 3.64
#